data_5SZQ
#
_entry.id   5SZQ
#
_cell.length_a   31.890
_cell.length_b   63.640
_cell.length_c   344.310
_cell.angle_alpha   90.00
_cell.angle_beta   90.00
_cell.angle_gamma   90.00
#
_symmetry.space_group_name_H-M   'P 21 21 21'
#
loop_
_entity.id
_entity.type
_entity.pdbx_description
1 polymer 'Protocadherin gamma-A4'
2 branched 2-acetamido-2-deoxy-beta-D-glucopyranose-(1-4)-2-acetamido-2-deoxy-beta-D-glucopyranose
3 non-polymer alpha-D-mannopyranose
4 non-polymer 2-acetamido-2-deoxy-beta-D-glucopyranose
5 non-polymer 'CALCIUM ION'
#
_entity_poly.entity_id   1
_entity_poly.type   'polypeptide(L)'
_entity_poly.pdbx_seq_one_letter_code
;NAPVFTQPEYHISVKENLPVGTRLLTIKATDPDEGVNGEVTYSFRNVREKISQLFQLNSLTGDITVLGELDYEDSGFYDV
DVEAHDGPGLRARSKVLVTVLDVNDNAPEVTVTSLTSSIQEASSPGTVIALFNVHDSDSGENGLVTCSIPDNLPFRLEKT
YGNYHRLLIHRTLDREEVSDYNITITATDQGTPPLSTETYISLQVVDINDNPPTFTHASYSAYIPENNPRGASILSITAQ
DPDSGENAQVIYSLSEDTIQGAPMSSYVSINSNTGVLYALRSFDYEQFQDLKLLVTARDSGTPPLSSNVSLSLSVLDQND
NTPEILYPTIPTDGSTGVELTPRSADPGYLVTKVVAVDKDSGQNAWLSYRLLKASEPGLFSVGLHTGEVRTARALLDRDA
LKQSLVVTVQDHGQPPLSATVTLTIAVSDNIPDHHHHHHHH
;
_entity_poly.pdbx_strand_id   A
#
loop_
_chem_comp.id
_chem_comp.type
_chem_comp.name
_chem_comp.formula
CA non-polymer 'CALCIUM ION' 'Ca 2'
MAN D-saccharide, alpha linking alpha-D-mannopyranose 'C6 H12 O6'
NAG D-saccharide, beta linking 2-acetamido-2-deoxy-beta-D-glucopyranose 'C8 H15 N O6'
#
# COMPACT_ATOMS: atom_id res chain seq x y z
N ASN A 1 73.17 -3.39 -61.02
CA ASN A 1 73.31 -3.31 -59.57
C ASN A 1 72.09 -3.88 -58.87
N ALA A 2 71.99 -3.62 -57.56
CA ALA A 2 70.86 -4.08 -56.78
C ALA A 2 69.60 -3.28 -57.12
N PRO A 3 68.42 -3.86 -56.90
CA PRO A 3 67.18 -3.12 -57.10
C PRO A 3 67.08 -1.92 -56.15
N VAL A 4 66.11 -1.06 -56.44
CA VAL A 4 65.93 0.19 -55.70
C VAL A 4 64.46 0.31 -55.33
N PHE A 5 64.19 0.46 -54.03
CA PHE A 5 62.83 0.75 -53.57
C PHE A 5 62.48 2.20 -53.86
N THR A 6 61.19 2.45 -54.10
CA THR A 6 60.76 3.82 -54.37
C THR A 6 60.83 4.70 -53.13
N GLN A 7 60.91 4.11 -51.94
CA GLN A 7 61.12 4.80 -50.68
C GLN A 7 61.87 3.83 -49.79
N PRO A 8 62.88 4.29 -49.05
CA PRO A 8 63.57 3.39 -48.11
C PRO A 8 62.70 2.95 -46.95
N GLU A 9 61.60 3.65 -46.69
CA GLU A 9 60.63 3.24 -45.68
C GLU A 9 59.25 3.69 -46.11
N TYR A 10 58.25 2.83 -45.89
CA TYR A 10 56.86 3.11 -46.23
C TYR A 10 56.04 3.24 -44.96
N HIS A 11 55.17 4.25 -44.93
CA HIS A 11 54.34 4.53 -43.77
C HIS A 11 52.88 4.41 -44.12
N ILE A 12 52.07 4.09 -43.10
CA ILE A 12 50.62 4.05 -43.24
C ILE A 12 50.03 4.18 -41.84
N SER A 13 48.86 4.79 -41.76
CA SER A 13 48.14 4.94 -40.51
C SER A 13 46.72 4.44 -40.71
N VAL A 14 46.41 3.27 -40.15
CA VAL A 14 45.12 2.62 -40.35
C VAL A 14 44.46 2.39 -38.99
N LYS A 15 43.14 2.23 -39.03
CA LYS A 15 42.38 1.90 -37.84
C LYS A 15 42.50 0.41 -37.52
N GLU A 16 42.35 0.08 -36.23
CA GLU A 16 42.52 -1.31 -35.79
C GLU A 16 41.47 -2.24 -36.35
N ASN A 17 40.31 -1.72 -36.76
CA ASN A 17 39.19 -2.54 -37.21
C ASN A 17 39.28 -2.92 -38.68
N LEU A 18 40.45 -2.81 -39.30
CA LEU A 18 40.59 -3.10 -40.73
C LEU A 18 40.28 -4.57 -40.99
N PRO A 19 39.34 -4.88 -41.88
CA PRO A 19 38.99 -6.28 -42.15
C PRO A 19 40.19 -7.07 -42.66
N VAL A 20 40.17 -8.37 -42.36
CA VAL A 20 41.25 -9.25 -42.83
C VAL A 20 41.22 -9.31 -44.35
N GLY A 21 42.41 -9.30 -44.96
CA GLY A 21 42.54 -9.32 -46.40
C GLY A 21 42.56 -7.95 -47.06
N THR A 22 42.08 -6.92 -46.36
CA THR A 22 42.14 -5.55 -46.89
C THR A 22 43.58 -5.17 -47.21
N ARG A 23 43.79 -4.62 -48.39
CA ARG A 23 45.12 -4.21 -48.80
C ARG A 23 45.60 -3.05 -47.93
N LEU A 24 46.77 -3.21 -47.32
CA LEU A 24 47.36 -2.13 -46.52
C LEU A 24 48.15 -1.17 -47.40
N LEU A 25 49.12 -1.68 -48.15
CA LEU A 25 49.88 -0.80 -49.02
C LEU A 25 50.48 -1.64 -50.15
N THR A 26 51.51 -1.11 -50.80
CA THR A 26 52.22 -1.81 -51.85
C THR A 26 53.63 -1.25 -51.94
N ILE A 27 54.61 -2.15 -51.97
CA ILE A 27 56.02 -1.80 -52.06
C ILE A 27 56.49 -2.06 -53.48
N LYS A 28 57.29 -1.13 -54.02
CA LYS A 28 57.78 -1.24 -55.39
C LYS A 28 59.31 -1.11 -55.40
N ALA A 29 59.94 -2.01 -56.15
CA ALA A 29 61.37 -1.98 -56.41
C ALA A 29 61.59 -2.08 -57.91
N THR A 30 62.56 -1.32 -58.42
CA THR A 30 62.85 -1.28 -59.85
C THR A 30 64.35 -1.50 -60.05
N ASP A 31 64.68 -2.13 -61.17
CA ASP A 31 66.06 -2.30 -61.55
C ASP A 31 66.44 -1.23 -62.56
N PRO A 32 67.56 -0.54 -62.36
CA PRO A 32 67.96 0.54 -63.29
C PRO A 32 68.77 0.08 -64.48
N ASP A 33 69.23 -1.18 -64.51
CA ASP A 33 70.14 -1.61 -65.56
C ASP A 33 69.44 -1.68 -66.93
N GLU A 34 68.24 -2.25 -66.97
CA GLU A 34 67.44 -2.34 -68.21
C GLU A 34 66.03 -2.85 -67.90
N GLY A 38 61.47 -7.59 -66.29
CA GLY A 38 62.31 -8.51 -65.54
C GLY A 38 61.58 -9.22 -64.41
N GLU A 39 62.30 -10.05 -63.67
CA GLU A 39 61.75 -10.80 -62.54
C GLU A 39 62.26 -10.20 -61.24
N VAL A 40 61.35 -9.81 -60.35
CA VAL A 40 61.67 -9.18 -59.09
C VAL A 40 60.97 -9.92 -57.96
N THR A 41 61.73 -10.27 -56.92
CA THR A 41 61.23 -11.03 -55.79
C THR A 41 60.95 -10.10 -54.61
N TYR A 42 59.82 -10.32 -53.95
CA TYR A 42 59.45 -9.59 -52.73
C TYR A 42 59.24 -10.60 -51.62
N SER A 43 59.99 -10.46 -50.53
CA SER A 43 59.90 -11.39 -49.42
C SER A 43 60.16 -10.63 -48.13
N PHE A 44 59.58 -11.13 -47.04
CA PHE A 44 59.88 -10.57 -45.72
C PHE A 44 61.35 -10.79 -45.40
N ARG A 45 61.92 -9.83 -44.67
CA ARG A 45 63.34 -9.90 -44.33
C ARG A 45 63.53 -10.72 -43.06
N ASN A 46 63.40 -10.09 -41.90
CA ASN A 46 63.47 -10.80 -40.61
C ASN A 46 62.05 -11.05 -40.15
N VAL A 47 61.56 -12.26 -40.43
CA VAL A 47 60.18 -12.60 -40.12
C VAL A 47 59.97 -12.57 -38.61
N ARG A 48 58.93 -11.85 -38.18
CA ARG A 48 58.51 -11.80 -36.79
C ARG A 48 57.19 -12.54 -36.65
N GLU A 49 57.10 -13.41 -35.63
CA GLU A 49 55.96 -14.31 -35.52
C GLU A 49 54.64 -13.54 -35.48
N LYS A 50 54.60 -12.43 -34.73
CA LYS A 50 53.41 -11.58 -34.73
C LYS A 50 53.23 -10.90 -36.08
N ILE A 51 54.32 -10.37 -36.65
CA ILE A 51 54.27 -9.76 -37.97
C ILE A 51 53.95 -10.80 -39.04
N SER A 52 54.43 -12.03 -38.87
CA SER A 52 54.12 -13.09 -39.84
C SER A 52 52.66 -13.47 -39.79
N GLN A 53 52.09 -13.59 -38.59
CA GLN A 53 50.66 -13.89 -38.46
C GLN A 53 49.79 -12.76 -38.96
N LEU A 54 50.23 -11.51 -38.81
CA LEU A 54 49.33 -10.38 -39.01
C LEU A 54 49.36 -9.80 -40.42
N PHE A 55 50.39 -10.08 -41.22
CA PHE A 55 50.54 -9.42 -42.51
C PHE A 55 50.85 -10.44 -43.60
N GLN A 56 50.18 -10.31 -44.74
CA GLN A 56 50.36 -11.22 -45.88
C GLN A 56 50.74 -10.41 -47.11
N LEU A 57 51.87 -10.78 -47.72
CA LEU A 57 52.25 -10.26 -49.02
C LEU A 57 52.74 -11.40 -49.90
N ASN A 58 52.34 -11.38 -51.16
CA ASN A 58 52.97 -12.26 -52.14
C ASN A 58 54.13 -11.52 -52.79
N SER A 59 54.95 -12.26 -53.52
CA SER A 59 56.11 -11.65 -54.16
C SER A 59 55.72 -10.84 -55.39
N LEU A 60 54.90 -11.41 -56.27
CA LEU A 60 54.66 -10.80 -57.57
C LEU A 60 53.92 -9.46 -57.45
N THR A 61 52.78 -9.45 -56.74
CA THR A 61 52.03 -8.20 -56.59
C THR A 61 52.80 -7.18 -55.76
N GLY A 62 53.51 -7.65 -54.72
CA GLY A 62 54.19 -6.74 -53.83
C GLY A 62 53.27 -5.92 -52.96
N ASP A 63 52.02 -6.35 -52.84
CA ASP A 63 51.03 -5.68 -52.00
C ASP A 63 51.04 -6.26 -50.59
N ILE A 64 50.82 -5.38 -49.61
CA ILE A 64 50.74 -5.76 -48.21
C ILE A 64 49.29 -5.70 -47.79
N THR A 65 48.75 -6.85 -47.38
CA THR A 65 47.36 -6.98 -46.94
C THR A 65 47.31 -7.56 -45.53
N VAL A 66 46.14 -7.48 -44.92
CA VAL A 66 45.94 -7.90 -43.54
C VAL A 66 45.68 -9.40 -43.49
N LEU A 67 46.49 -10.12 -42.70
CA LEU A 67 46.30 -11.54 -42.45
C LEU A 67 45.62 -11.81 -41.11
N GLY A 68 46.01 -11.09 -40.06
CA GLY A 68 45.37 -11.21 -38.75
C GLY A 68 44.90 -9.87 -38.26
N GLU A 69 43.74 -9.87 -37.59
CA GLU A 69 43.16 -8.63 -37.09
C GLU A 69 44.12 -7.92 -36.15
N LEU A 70 44.28 -6.62 -36.37
CA LEU A 70 45.18 -5.80 -35.56
C LEU A 70 44.38 -5.22 -34.39
N ASP A 71 44.85 -5.47 -33.18
CA ASP A 71 44.22 -4.95 -31.98
C ASP A 71 45.10 -3.82 -31.46
N TYR A 72 44.57 -2.59 -31.46
CA TYR A 72 45.33 -1.47 -30.93
C TYR A 72 45.75 -1.75 -29.50
N GLU A 73 44.86 -2.36 -28.72
CA GLU A 73 45.15 -2.69 -27.33
C GLU A 73 46.27 -3.71 -27.20
N ASP A 74 46.63 -4.40 -28.27
CA ASP A 74 47.76 -5.33 -28.25
C ASP A 74 49.06 -4.62 -28.61
N SER A 75 49.06 -3.83 -29.69
CA SER A 75 50.24 -3.14 -30.17
C SER A 75 49.82 -2.02 -31.12
N GLY A 76 50.51 -0.89 -31.03
CA GLY A 76 50.10 0.29 -31.76
C GLY A 76 50.99 0.66 -32.92
N PHE A 77 52.20 0.10 -32.97
CA PHE A 77 53.17 0.43 -34.00
C PHE A 77 53.91 -0.82 -34.44
N TYR A 78 54.17 -0.91 -35.74
CA TYR A 78 54.82 -2.07 -36.33
C TYR A 78 55.99 -1.63 -37.21
N ASP A 79 57.18 -2.18 -36.92
CA ASP A 79 58.41 -1.93 -37.66
C ASP A 79 58.77 -3.21 -38.42
N VAL A 80 58.56 -3.20 -39.73
CA VAL A 80 58.67 -4.40 -40.56
C VAL A 80 59.86 -4.25 -41.49
N ASP A 81 60.67 -5.30 -41.56
CA ASP A 81 61.82 -5.36 -42.46
C ASP A 81 61.44 -6.09 -43.73
N VAL A 82 61.70 -5.47 -44.87
CA VAL A 82 61.40 -6.04 -46.19
C VAL A 82 62.64 -5.94 -47.06
N GLU A 83 62.81 -6.91 -47.95
CA GLU A 83 63.90 -6.90 -48.92
C GLU A 83 63.35 -7.32 -50.28
N ALA A 84 64.26 -7.44 -51.25
CA ALA A 84 63.86 -7.73 -52.62
C ALA A 84 65.03 -8.35 -53.37
N HIS A 85 64.71 -9.35 -54.21
CA HIS A 85 65.68 -10.03 -55.05
C HIS A 85 65.28 -9.86 -56.52
N ASP A 86 66.28 -9.64 -57.38
CA ASP A 86 66.10 -9.66 -58.82
C ASP A 86 66.45 -11.01 -59.43
N GLY A 87 66.79 -11.99 -58.60
CA GLY A 87 67.30 -13.26 -59.08
C GLY A 87 68.61 -13.60 -58.40
N PRO A 88 69.72 -13.18 -59.01
CA PRO A 88 71.03 -13.43 -58.41
C PRO A 88 71.58 -12.25 -57.63
N GLY A 89 71.07 -11.05 -57.91
CA GLY A 89 71.68 -9.83 -57.44
C GLY A 89 71.40 -9.53 -55.98
N LEU A 90 72.01 -8.43 -55.52
CA LEU A 90 71.98 -8.06 -54.12
C LEU A 90 70.55 -7.76 -53.68
N ARG A 91 70.19 -8.26 -52.51
CA ARG A 91 68.86 -8.03 -51.94
C ARG A 91 68.78 -6.60 -51.42
N ALA A 92 67.80 -5.85 -51.93
CA ALA A 92 67.56 -4.47 -51.50
C ALA A 92 66.68 -4.43 -50.26
N ARG A 93 67.01 -3.55 -49.31
CA ARG A 93 66.31 -3.46 -48.04
C ARG A 93 65.43 -2.21 -47.99
N SER A 94 64.37 -2.29 -47.19
CA SER A 94 63.39 -1.23 -47.05
C SER A 94 62.50 -1.53 -45.85
N LYS A 95 62.18 -0.50 -45.08
CA LYS A 95 61.31 -0.64 -43.92
C LYS A 95 59.86 -0.35 -44.30
N VAL A 96 58.94 -0.92 -43.54
CA VAL A 96 57.53 -0.59 -43.62
C VAL A 96 57.03 -0.34 -42.22
N LEU A 97 56.43 0.83 -42.00
CA LEU A 97 56.01 1.27 -40.67
C LEU A 97 54.49 1.41 -40.64
N VAL A 98 53.83 0.60 -39.82
CA VAL A 98 52.38 0.58 -39.74
C VAL A 98 51.97 1.24 -38.42
N THR A 99 51.26 2.36 -38.52
CA THR A 99 50.69 3.05 -37.37
C THR A 99 49.22 2.65 -37.23
N VAL A 100 48.88 2.01 -36.11
CA VAL A 100 47.52 1.56 -35.87
C VAL A 100 46.79 2.62 -35.07
N LEU A 101 45.53 2.86 -35.42
CA LEU A 101 44.70 3.86 -34.77
C LEU A 101 43.71 3.18 -33.85
N ASP A 102 43.29 3.90 -32.81
CA ASP A 102 42.38 3.36 -31.80
C ASP A 102 40.94 3.52 -32.26
N VAL A 103 40.18 2.43 -32.16
CA VAL A 103 38.75 2.42 -32.43
C VAL A 103 38.04 2.05 -31.14
N ASN A 104 36.99 2.79 -30.80
CA ASN A 104 36.22 2.51 -29.59
C ASN A 104 35.41 1.24 -29.81
N ASP A 105 36.08 0.10 -29.59
CA ASP A 105 35.46 -1.21 -29.75
C ASP A 105 35.41 -2.00 -28.45
N ASN A 106 35.67 -1.38 -27.30
CA ASN A 106 35.58 -2.05 -26.01
C ASN A 106 34.71 -1.20 -25.09
N ALA A 107 33.50 -1.69 -24.78
CA ALA A 107 32.66 -1.00 -23.82
C ALA A 107 33.29 -1.07 -22.43
N PRO A 108 33.04 -0.08 -21.57
CA PRO A 108 33.65 -0.08 -20.24
C PRO A 108 33.25 -1.30 -19.43
N GLU A 109 34.17 -1.78 -18.61
CA GLU A 109 33.94 -2.94 -17.74
C GLU A 109 33.96 -2.47 -16.30
N VAL A 110 32.85 -2.70 -15.60
CA VAL A 110 32.65 -2.22 -14.23
C VAL A 110 32.81 -3.40 -13.28
N THR A 111 33.70 -3.26 -12.30
CA THR A 111 33.93 -4.27 -11.27
C THR A 111 33.53 -3.68 -9.93
N VAL A 112 32.50 -4.26 -9.30
CA VAL A 112 31.96 -3.76 -8.04
C VAL A 112 32.73 -4.38 -6.88
N THR A 113 33.37 -3.53 -6.09
CA THR A 113 34.27 -3.98 -5.04
C THR A 113 33.55 -4.25 -3.72
N SER A 114 32.74 -3.29 -3.26
CA SER A 114 31.99 -3.43 -2.03
C SER A 114 30.52 -3.13 -2.29
N LEU A 115 29.68 -3.55 -1.36
CA LEU A 115 28.23 -3.37 -1.51
C LEU A 115 27.55 -3.45 -0.16
N THR A 116 26.33 -2.91 -0.12
CA THR A 116 25.47 -2.95 1.06
C THR A 116 24.08 -3.32 0.61
N SER A 117 23.55 -4.41 1.16
CA SER A 117 22.32 -5.03 0.68
C SER A 117 21.11 -4.77 1.57
N SER A 118 21.27 -4.02 2.67
CA SER A 118 20.14 -3.70 3.53
C SER A 118 20.49 -2.45 4.34
N ILE A 119 19.46 -1.66 4.64
CA ILE A 119 19.66 -0.40 5.36
C ILE A 119 18.45 -0.18 6.28
N GLN A 120 18.74 0.27 7.49
CA GLN A 120 17.71 0.58 8.47
C GLN A 120 16.85 1.74 7.97
N GLU A 121 15.58 1.73 8.38
CA GLU A 121 14.68 2.82 8.01
C GLU A 121 15.18 4.15 8.56
N ALA A 122 15.19 4.29 9.88
CA ALA A 122 15.69 5.47 10.58
C ALA A 122 17.21 5.50 10.68
N SER A 123 17.91 5.02 9.65
CA SER A 123 19.36 5.01 9.68
C SER A 123 19.93 6.41 9.44
N SER A 124 21.23 6.59 9.82
CA SER A 124 21.93 7.84 9.55
C SER A 124 22.28 7.90 8.06
N PRO A 125 22.08 9.05 7.42
CA PRO A 125 22.51 9.21 6.03
C PRO A 125 24.03 9.14 5.90
N GLY A 126 24.48 8.93 4.66
CA GLY A 126 25.90 8.83 4.39
C GLY A 126 26.48 7.43 4.43
N THR A 127 25.65 6.40 4.52
CA THR A 127 26.15 5.03 4.51
C THR A 127 26.61 4.65 3.10
N VAL A 128 27.74 3.93 3.03
CA VAL A 128 28.29 3.49 1.76
C VAL A 128 27.38 2.41 1.18
N ILE A 129 26.74 2.72 0.05
CA ILE A 129 25.91 1.73 -0.62
C ILE A 129 26.75 0.81 -1.50
N ALA A 130 27.72 1.38 -2.23
CA ALA A 130 28.56 0.58 -3.12
C ALA A 130 29.85 1.32 -3.40
N LEU A 131 30.95 0.58 -3.43
CA LEU A 131 32.25 1.08 -3.86
C LEU A 131 32.68 0.25 -5.06
N PHE A 132 32.50 0.79 -6.26
CA PHE A 132 32.85 0.10 -7.48
C PHE A 132 33.93 0.87 -8.23
N ASN A 133 34.67 0.14 -9.09
CA ASN A 133 35.69 0.73 -9.93
C ASN A 133 35.44 0.33 -11.37
N VAL A 134 35.66 1.26 -12.29
CA VAL A 134 35.42 1.03 -13.71
C VAL A 134 36.75 1.11 -14.44
N HIS A 135 36.96 0.19 -15.38
CA HIS A 135 38.15 0.16 -16.21
C HIS A 135 37.76 -0.05 -17.67
N ASP A 136 38.42 0.69 -18.56
CA ASP A 136 38.17 0.59 -20.00
C ASP A 136 39.49 0.30 -20.71
N SER A 137 39.46 -0.66 -21.63
CA SER A 137 40.65 -1.07 -22.35
C SER A 137 41.02 -0.09 -23.47
N ASP A 138 40.07 0.70 -23.95
CA ASP A 138 40.36 1.63 -25.04
C ASP A 138 41.20 2.80 -24.53
N SER A 139 41.71 3.59 -25.47
CA SER A 139 42.64 4.67 -25.18
C SER A 139 42.02 6.02 -25.50
N GLY A 140 42.63 7.08 -24.97
CA GLY A 140 42.17 8.42 -25.24
C GLY A 140 40.79 8.70 -24.67
N GLU A 141 40.02 9.53 -25.38
CA GLU A 141 38.64 9.78 -24.97
C GLU A 141 37.77 8.54 -25.11
N ASN A 142 38.17 7.59 -25.96
CA ASN A 142 37.48 6.31 -26.02
C ASN A 142 37.66 5.52 -24.72
N GLY A 143 38.59 5.93 -23.85
CA GLY A 143 38.91 5.20 -22.64
C GLY A 143 38.44 5.87 -21.36
N LEU A 144 38.27 7.19 -21.39
CA LEU A 144 37.67 7.87 -20.26
C LEU A 144 36.23 7.42 -20.09
N VAL A 145 35.75 7.41 -18.85
CA VAL A 145 34.47 6.80 -18.53
C VAL A 145 33.75 7.63 -17.47
N THR A 146 32.43 7.77 -17.62
CA THR A 146 31.59 8.42 -16.63
C THR A 146 30.56 7.44 -16.08
N CYS A 147 30.19 7.63 -14.81
CA CYS A 147 29.25 6.75 -14.14
C CYS A 147 27.93 7.48 -13.93
N SER A 148 26.83 6.84 -14.33
CA SER A 148 25.52 7.45 -14.32
C SER A 148 24.59 6.70 -13.39
N ILE A 149 23.73 7.45 -12.72
CA ILE A 149 22.71 6.94 -11.79
C ILE A 149 21.43 7.69 -12.10
N PRO A 150 20.25 7.06 -12.00
CA PRO A 150 19.01 7.79 -12.30
C PRO A 150 18.89 9.11 -11.57
N ASP A 151 18.36 10.11 -12.27
CA ASP A 151 18.38 11.47 -11.77
C ASP A 151 17.40 11.68 -10.62
N ASN A 152 16.14 11.24 -10.80
CA ASN A 152 15.10 11.54 -9.82
C ASN A 152 15.42 10.92 -8.46
N LEU A 153 16.01 9.73 -8.45
CA LEU A 153 16.38 9.03 -7.22
C LEU A 153 17.31 9.92 -6.39
N PRO A 154 16.95 10.28 -5.16
CA PRO A 154 17.72 11.30 -4.42
C PRO A 154 18.97 10.76 -3.74
N PHE A 155 20.06 10.66 -4.49
CA PHE A 155 21.36 10.32 -3.93
C PHE A 155 22.42 11.12 -4.68
N ARG A 156 23.57 11.29 -4.03
CA ARG A 156 24.72 11.96 -4.63
C ARG A 156 25.82 10.95 -4.84
N LEU A 157 26.27 10.81 -6.08
CA LEU A 157 27.39 9.94 -6.42
C LEU A 157 28.60 10.79 -6.73
N GLU A 158 29.75 10.41 -6.17
CA GLU A 158 31.00 11.12 -6.38
C GLU A 158 32.13 10.11 -6.60
N LYS A 159 33.24 10.62 -7.12
CA LYS A 159 34.43 9.83 -7.40
C LYS A 159 35.37 9.90 -6.21
N THR A 160 35.71 8.74 -5.65
CA THR A 160 36.57 8.72 -4.46
C THR A 160 37.99 9.13 -4.82
N TYR A 161 38.59 8.42 -5.78
CA TYR A 161 39.98 8.71 -6.14
C TYR A 161 40.31 8.07 -7.48
N GLY A 162 40.75 8.88 -8.44
CA GLY A 162 41.08 8.36 -9.76
C GLY A 162 39.88 7.83 -10.50
N ASN A 163 39.75 6.50 -10.58
CA ASN A 163 38.58 5.86 -11.15
C ASN A 163 37.74 5.17 -10.10
N TYR A 164 37.97 5.45 -8.82
CA TYR A 164 37.22 4.88 -7.71
C TYR A 164 36.08 5.82 -7.34
N HIS A 165 34.85 5.29 -7.34
CA HIS A 165 33.65 6.03 -7.04
C HIS A 165 32.98 5.51 -5.78
N ARG A 166 32.18 6.39 -5.18
CA ARG A 166 31.38 6.03 -4.03
C ARG A 166 29.92 6.40 -4.30
N LEU A 167 29.01 5.65 -3.71
CA LEU A 167 27.58 5.89 -3.81
C LEU A 167 27.02 6.07 -2.40
N LEU A 168 26.67 7.30 -2.06
CA LEU A 168 26.25 7.66 -0.70
C LEU A 168 24.77 8.03 -0.67
N ILE A 169 24.25 8.17 0.54
CA ILE A 169 22.84 8.48 0.78
C ILE A 169 22.73 9.96 1.10
N HIS A 170 22.15 10.73 0.17
CA HIS A 170 22.02 12.16 0.35
C HIS A 170 20.75 12.55 1.09
N ARG A 171 19.71 11.72 0.99
CA ARG A 171 18.41 11.99 1.62
C ARG A 171 18.07 10.87 2.58
N THR A 172 17.48 11.24 3.72
CA THR A 172 17.06 10.25 4.71
C THR A 172 16.04 9.29 4.10
N LEU A 173 16.17 8.01 4.43
CA LEU A 173 15.38 6.95 3.81
C LEU A 173 14.25 6.54 4.74
N ASP A 174 13.11 6.15 4.15
CA ASP A 174 11.93 5.73 4.91
C ASP A 174 11.24 4.60 4.16
N ARG A 175 11.05 3.47 4.84
CA ARG A 175 10.57 2.25 4.18
C ARG A 175 9.14 2.42 3.65
N GLU A 176 8.34 3.29 4.27
CA GLU A 176 6.93 3.42 3.91
C GLU A 176 6.71 4.06 2.55
N GLU A 177 7.76 4.51 1.85
CA GLU A 177 7.61 5.07 0.51
C GLU A 177 7.74 4.00 -0.56
N VAL A 178 8.86 3.27 -0.58
CA VAL A 178 9.08 2.19 -1.53
C VAL A 178 9.81 1.06 -0.82
N SER A 179 9.46 -0.18 -1.19
CA SER A 179 9.99 -1.34 -0.48
C SER A 179 11.38 -1.71 -0.97
N ASP A 180 11.53 -1.97 -2.26
CA ASP A 180 12.79 -2.46 -2.82
C ASP A 180 13.35 -1.47 -3.83
N TYR A 181 14.60 -1.71 -4.23
CA TYR A 181 15.33 -0.87 -5.15
C TYR A 181 16.09 -1.73 -6.15
N ASN A 182 16.03 -1.34 -7.42
CA ASN A 182 16.84 -1.91 -8.50
C ASN A 182 17.67 -0.75 -9.04
N ILE A 183 18.80 -0.47 -8.39
CA ILE A 183 19.59 0.71 -8.71
C ILE A 183 20.57 0.36 -9.83
N THR A 184 20.42 1.03 -10.97
CA THR A 184 21.25 0.76 -12.14
C THR A 184 22.25 1.89 -12.31
N ILE A 185 23.53 1.55 -12.31
CA ILE A 185 24.59 2.48 -12.68
C ILE A 185 25.03 2.14 -14.09
N THR A 186 24.90 3.11 -15.00
CA THR A 186 25.26 2.91 -16.39
C THR A 186 26.59 3.59 -16.67
N ALA A 187 27.56 2.81 -17.15
CA ALA A 187 28.86 3.33 -17.52
C ALA A 187 28.81 3.87 -18.95
N THR A 188 29.13 5.14 -19.12
CA THR A 188 29.08 5.79 -20.42
C THR A 188 30.51 6.11 -20.89
N ASP A 189 30.80 5.72 -22.12
CA ASP A 189 32.06 6.01 -22.78
C ASP A 189 32.00 7.42 -23.38
N GLN A 190 33.17 8.07 -23.45
CA GLN A 190 33.26 9.40 -24.01
C GLN A 190 33.61 9.40 -25.50
N GLY A 191 34.19 8.31 -26.01
CA GLY A 191 34.56 8.27 -27.42
C GLY A 191 33.36 7.98 -28.32
N THR A 192 33.35 8.63 -29.47
CA THR A 192 32.22 8.57 -30.40
C THR A 192 32.29 7.42 -31.42
N PRO A 193 31.20 6.67 -31.58
CA PRO A 193 29.97 6.80 -30.77
C PRO A 193 30.11 6.13 -29.42
N PRO A 194 29.45 6.67 -28.40
CA PRO A 194 29.66 6.16 -27.04
C PRO A 194 29.17 4.73 -26.86
N LEU A 195 29.89 3.99 -26.02
CA LEU A 195 29.54 2.62 -25.67
C LEU A 195 29.25 2.55 -24.18
N SER A 196 28.08 2.03 -23.81
CA SER A 196 27.65 1.96 -22.43
C SER A 196 27.63 0.51 -21.94
N THR A 197 27.83 0.36 -20.63
CA THR A 197 27.71 -0.93 -19.95
C THR A 197 27.08 -0.67 -18.59
N GLU A 198 25.86 -1.16 -18.40
CA GLU A 198 25.10 -0.90 -17.19
C GLU A 198 25.11 -2.12 -16.28
N THR A 199 25.23 -1.86 -14.98
CA THR A 199 25.16 -2.89 -13.95
C THR A 199 24.22 -2.42 -12.86
N TYR A 200 23.33 -3.30 -12.42
CA TYR A 200 22.34 -2.96 -11.40
C TYR A 200 22.56 -3.79 -10.13
N ILE A 201 22.18 -3.21 -8.99
CA ILE A 201 22.30 -3.84 -7.70
C ILE A 201 20.94 -3.79 -7.02
N SER A 202 20.63 -4.85 -6.28
CA SER A 202 19.37 -4.98 -5.56
C SER A 202 19.55 -4.56 -4.11
N LEU A 203 18.43 -4.26 -3.47
CA LEU A 203 18.44 -3.77 -2.10
C LEU A 203 17.07 -4.03 -1.49
N GLN A 204 17.04 -4.26 -0.19
CA GLN A 204 15.80 -4.42 0.56
C GLN A 204 15.87 -3.57 1.81
N VAL A 205 14.79 -2.83 2.08
CA VAL A 205 14.78 -1.82 3.13
C VAL A 205 14.33 -2.44 4.44
N VAL A 206 15.12 -2.21 5.50
CA VAL A 206 14.72 -2.64 6.84
C VAL A 206 13.55 -1.78 7.31
N ASP A 207 12.61 -2.41 8.03
CA ASP A 207 11.35 -1.80 8.42
C ASP A 207 11.31 -1.67 9.95
N ILE A 208 11.36 -0.42 10.45
CA ILE A 208 11.20 -0.13 11.87
C ILE A 208 9.72 0.03 12.17
N ASN A 209 9.33 -0.36 13.40
CA ASN A 209 7.97 -0.17 13.87
C ASN A 209 7.82 1.24 14.43
N ASP A 210 7.70 2.21 13.52
CA ASP A 210 7.60 3.62 13.89
C ASP A 210 6.23 4.21 13.60
N ASN A 211 5.33 3.46 12.96
CA ASN A 211 3.96 3.91 12.72
C ASN A 211 2.98 3.07 13.53
N PRO A 212 1.98 3.68 14.15
CA PRO A 212 0.96 2.91 14.85
C PRO A 212 -0.19 2.55 13.92
N PRO A 213 -1.05 1.62 14.32
CA PRO A 213 -2.28 1.35 13.54
C PRO A 213 -3.28 2.48 13.71
N THR A 214 -3.84 2.93 12.59
CA THR A 214 -4.76 4.06 12.56
C THR A 214 -6.15 3.61 12.14
N PHE A 215 -7.16 4.10 12.85
CA PHE A 215 -8.54 3.76 12.53
C PHE A 215 -9.06 4.57 11.35
N THR A 216 -9.99 3.99 10.60
CA THR A 216 -10.54 4.66 9.43
C THR A 216 -11.39 5.88 9.82
N HIS A 217 -12.02 5.84 10.99
CA HIS A 217 -12.84 6.95 11.47
C HIS A 217 -12.42 7.32 12.89
N ALA A 218 -12.38 8.63 13.18
CA ALA A 218 -11.89 9.08 14.47
C ALA A 218 -12.77 8.59 15.61
N SER A 219 -14.07 8.41 15.36
CA SER A 219 -15.01 7.91 16.35
C SER A 219 -16.03 7.01 15.66
N TYR A 220 -16.60 6.09 16.43
CA TYR A 220 -17.62 5.18 15.95
C TYR A 220 -18.89 5.31 16.78
N SER A 221 -19.96 4.72 16.27
CA SER A 221 -21.25 4.65 16.96
C SER A 221 -22.15 3.63 16.27
N ALA A 222 -22.54 2.60 17.01
CA ALA A 222 -23.43 1.56 16.49
C ALA A 222 -24.75 1.59 17.25
N TYR A 223 -25.72 0.84 16.72
CA TYR A 223 -27.06 0.78 17.26
C TYR A 223 -27.50 -0.67 17.34
N ILE A 224 -28.25 -1.01 18.39
CA ILE A 224 -28.74 -2.37 18.57
C ILE A 224 -30.22 -2.32 18.92
N PRO A 225 -31.06 -3.16 18.31
CA PRO A 225 -32.44 -3.28 18.78
C PRO A 225 -32.47 -3.74 20.22
N GLU A 226 -33.62 -3.55 20.86
CA GLU A 226 -33.75 -3.88 22.29
C GLU A 226 -33.41 -5.34 22.55
N ASN A 227 -34.27 -6.26 22.12
CA ASN A 227 -33.92 -7.66 22.19
C ASN A 227 -33.03 -7.99 21.01
N ASN A 228 -32.00 -8.79 21.25
CA ASN A 228 -31.11 -9.18 20.17
C ASN A 228 -30.64 -10.60 20.42
N PRO A 229 -30.33 -11.35 19.36
CA PRO A 229 -29.90 -12.73 19.54
C PRO A 229 -28.59 -12.83 20.31
N ARG A 230 -28.32 -14.03 20.83
CA ARG A 230 -27.01 -14.31 21.40
C ARG A 230 -25.96 -14.33 20.30
N GLY A 231 -24.86 -13.62 20.52
CA GLY A 231 -23.80 -13.53 19.53
C GLY A 231 -24.17 -12.80 18.26
N ALA A 232 -24.82 -11.64 18.38
CA ALA A 232 -25.24 -10.88 17.21
C ALA A 232 -24.12 -10.02 16.66
N SER A 233 -24.07 -9.89 15.34
CA SER A 233 -23.07 -9.06 14.68
C SER A 233 -23.51 -7.61 14.79
N ILE A 234 -22.76 -6.81 15.55
CA ILE A 234 -23.15 -5.44 15.81
C ILE A 234 -22.45 -4.49 14.86
N LEU A 235 -21.12 -4.56 14.81
CA LEU A 235 -20.35 -3.64 14.01
C LEU A 235 -19.15 -4.40 13.45
N SER A 236 -18.42 -3.71 12.58
CA SER A 236 -17.14 -4.19 12.07
C SER A 236 -16.15 -3.06 12.17
N ILE A 237 -15.04 -3.29 12.85
CA ILE A 237 -14.02 -2.29 13.10
C ILE A 237 -12.74 -2.68 12.36
N THR A 238 -12.05 -1.69 11.80
CA THR A 238 -10.85 -1.96 11.03
C THR A 238 -9.83 -0.83 11.23
N ALA A 239 -8.59 -1.20 11.52
CA ALA A 239 -7.49 -0.27 11.66
C ALA A 239 -6.35 -0.72 10.76
N GLN A 240 -5.57 0.26 10.29
CA GLN A 240 -4.54 0.02 9.28
C GLN A 240 -3.19 0.48 9.81
N ASP A 241 -2.15 -0.31 9.50
CA ASP A 241 -0.79 0.04 9.91
C ASP A 241 0.10 0.10 8.68
N PRO A 242 0.69 1.25 8.34
CA PRO A 242 1.47 1.37 7.10
C PRO A 242 2.78 0.58 7.12
N ASP A 243 3.09 -0.16 8.19
CA ASP A 243 4.35 -0.89 8.25
C ASP A 243 4.24 -2.23 7.53
N SER A 244 4.94 -3.25 8.03
CA SER A 244 4.96 -4.55 7.37
C SER A 244 5.33 -5.61 8.40
N GLY A 245 5.00 -6.86 8.06
CA GLY A 245 5.42 -7.99 8.88
C GLY A 245 4.72 -8.03 10.22
N GLU A 246 5.48 -8.38 11.26
CA GLU A 246 4.93 -8.42 12.61
C GLU A 246 4.55 -7.02 13.08
N ASN A 247 5.35 -6.02 12.74
CA ASN A 247 5.11 -4.63 13.15
C ASN A 247 3.85 -4.03 12.56
N ALA A 248 3.10 -4.77 11.74
CA ALA A 248 1.91 -4.22 11.09
C ALA A 248 0.64 -5.01 11.31
N GLN A 249 0.70 -6.17 11.97
CA GLN A 249 -0.51 -6.89 12.36
C GLN A 249 -1.34 -6.02 13.30
N VAL A 250 -2.66 -6.23 13.25
CA VAL A 250 -3.59 -5.50 14.11
C VAL A 250 -4.23 -6.50 15.07
N ILE A 251 -4.29 -6.13 16.34
CA ILE A 251 -4.97 -6.92 17.37
C ILE A 251 -5.91 -6.00 18.11
N TYR A 252 -7.18 -6.41 18.20
CA TYR A 252 -8.25 -5.58 18.76
C TYR A 252 -8.58 -6.03 20.17
N SER A 253 -8.86 -5.06 21.04
CA SER A 253 -9.25 -5.32 22.42
C SER A 253 -10.30 -4.31 22.84
N LEU A 254 -11.12 -4.70 23.82
CA LEU A 254 -12.15 -3.84 24.38
C LEU A 254 -11.70 -3.40 25.77
N SER A 255 -11.39 -2.11 25.90
CA SER A 255 -11.00 -1.56 27.19
C SER A 255 -12.11 -1.74 28.21
N GLU A 256 -11.73 -2.08 29.44
CA GLU A 256 -12.70 -2.50 30.44
C GLU A 256 -13.31 -1.31 31.17
N ASP A 257 -14.64 -1.28 31.22
CA ASP A 257 -15.41 -0.35 32.04
C ASP A 257 -16.50 -1.15 32.75
N THR A 258 -17.39 -0.45 33.45
CA THR A 258 -18.42 -1.10 34.25
C THR A 258 -19.79 -0.51 33.89
N ILE A 259 -20.77 -1.39 33.66
CA ILE A 259 -22.16 -0.99 33.40
C ILE A 259 -23.04 -1.74 34.39
N GLN A 260 -23.77 -0.99 35.22
CA GLN A 260 -24.69 -1.56 36.20
C GLN A 260 -23.99 -2.48 37.19
N GLY A 261 -22.76 -2.12 37.54
CA GLY A 261 -21.97 -2.92 38.45
C GLY A 261 -21.28 -4.13 37.83
N ALA A 262 -21.49 -4.38 36.54
CA ALA A 262 -20.92 -5.55 35.88
C ALA A 262 -19.83 -5.13 34.89
N PRO A 263 -18.74 -5.88 34.79
CA PRO A 263 -17.71 -5.57 33.79
C PRO A 263 -18.27 -5.55 32.38
N MET A 264 -17.55 -4.85 31.50
CA MET A 264 -18.00 -4.71 30.11
C MET A 264 -17.99 -6.04 29.37
N SER A 265 -17.09 -6.94 29.74
CA SER A 265 -16.99 -8.25 29.09
C SER A 265 -18.28 -9.05 29.22
N SER A 266 -19.21 -8.56 30.05
CA SER A 266 -20.46 -9.27 30.25
C SER A 266 -21.39 -9.15 29.05
N TYR A 267 -21.36 -8.02 28.35
CA TYR A 267 -22.32 -7.72 27.29
C TYR A 267 -21.74 -7.72 25.88
N VAL A 268 -20.49 -7.30 25.71
CA VAL A 268 -19.92 -7.10 24.37
C VAL A 268 -18.51 -7.67 24.33
N SER A 269 -18.23 -8.47 23.31
CA SER A 269 -16.88 -8.96 23.03
C SER A 269 -16.46 -8.52 21.64
N ILE A 270 -15.16 -8.59 21.39
CA ILE A 270 -14.65 -8.33 20.06
C ILE A 270 -13.69 -9.44 19.69
N ASN A 271 -13.68 -9.79 18.41
CA ASN A 271 -12.71 -10.73 17.89
C ASN A 271 -11.37 -10.03 17.75
N SER A 272 -10.31 -10.64 18.27
CA SER A 272 -9.01 -9.99 18.32
C SER A 272 -8.44 -9.76 16.93
N ASN A 273 -8.70 -10.68 15.99
CA ASN A 273 -8.13 -10.56 14.64
C ASN A 273 -9.03 -9.75 13.70
N THR A 274 -10.32 -10.07 13.66
CA THR A 274 -11.30 -9.32 12.88
C THR A 274 -12.09 -8.42 13.81
N GLY A 275 -12.17 -7.13 13.47
CA GLY A 275 -12.82 -6.16 14.34
C GLY A 275 -14.33 -6.32 14.46
N VAL A 276 -14.82 -7.55 14.27
CA VAL A 276 -16.25 -7.81 14.34
C VAL A 276 -16.69 -7.72 15.80
N LEU A 277 -17.57 -6.77 16.09
CA LEU A 277 -18.10 -6.62 17.43
C LEU A 277 -19.28 -7.56 17.64
N TYR A 278 -19.22 -8.35 18.71
CA TYR A 278 -20.24 -9.34 19.04
C TYR A 278 -20.96 -8.96 20.32
N ALA A 279 -22.27 -9.16 20.33
CA ALA A 279 -23.10 -8.90 21.51
C ALA A 279 -23.35 -10.22 22.22
N LEU A 280 -22.99 -10.28 23.51
CA LEU A 280 -23.07 -11.54 24.24
C LEU A 280 -24.45 -11.78 24.82
N ARG A 281 -25.16 -10.73 25.20
CA ARG A 281 -26.52 -10.82 25.71
C ARG A 281 -27.41 -9.86 24.94
N SER A 282 -28.70 -9.87 25.27
CA SER A 282 -29.63 -8.91 24.71
C SER A 282 -29.73 -7.72 25.67
N PHE A 283 -29.77 -6.51 25.12
CA PHE A 283 -29.75 -5.29 25.90
C PHE A 283 -31.18 -4.77 26.06
N ASP A 284 -31.82 -5.13 27.17
CA ASP A 284 -33.17 -4.65 27.44
C ASP A 284 -33.15 -3.13 27.57
N TYR A 285 -33.94 -2.45 26.73
CA TYR A 285 -33.89 -0.99 26.70
C TYR A 285 -34.34 -0.39 28.02
N GLU A 286 -35.27 -1.04 28.71
CA GLU A 286 -35.76 -0.53 29.99
C GLU A 286 -34.78 -0.78 31.12
N GLN A 287 -33.71 -1.53 30.89
CA GLN A 287 -32.69 -1.75 31.91
C GLN A 287 -31.59 -0.69 31.79
N PHE A 288 -31.01 -0.55 30.60
CA PHE A 288 -30.07 0.53 30.32
C PHE A 288 -30.08 0.80 28.82
N GLN A 289 -29.86 2.06 28.45
CA GLN A 289 -30.08 2.54 27.09
C GLN A 289 -28.82 2.59 26.23
N ASP A 290 -27.67 2.92 26.81
CA ASP A 290 -26.47 3.09 26.00
C ASP A 290 -25.24 2.96 26.90
N LEU A 291 -24.13 2.57 26.27
CA LEU A 291 -22.87 2.36 26.98
C LEU A 291 -21.74 2.90 26.12
N LYS A 292 -20.73 3.45 26.78
CA LYS A 292 -19.56 4.01 26.11
C LYS A 292 -18.43 2.99 26.17
N LEU A 293 -17.82 2.73 25.02
CA LEU A 293 -16.76 1.73 24.92
C LEU A 293 -15.49 2.35 24.37
N LEU A 294 -14.37 1.67 24.61
CA LEU A 294 -13.07 2.08 24.09
C LEU A 294 -12.43 0.87 23.44
N VAL A 295 -12.10 0.99 22.15
CA VAL A 295 -11.49 -0.10 21.39
C VAL A 295 -10.02 0.25 21.18
N THR A 296 -9.12 -0.66 21.54
CA THR A 296 -7.70 -0.49 21.33
C THR A 296 -7.21 -1.44 20.24
N ALA A 297 -6.27 -0.97 19.43
CA ALA A 297 -5.69 -1.78 18.38
C ALA A 297 -4.17 -1.66 18.47
N ARG A 298 -3.50 -2.80 18.68
CA ARG A 298 -2.05 -2.85 18.81
C ARG A 298 -1.45 -3.68 17.67
N ASP A 299 -0.11 -3.74 17.64
CA ASP A 299 0.61 -4.56 16.69
C ASP A 299 1.46 -5.59 17.43
N SER A 300 1.90 -6.60 16.70
CA SER A 300 2.74 -7.65 17.27
C SER A 300 4.18 -7.15 17.35
N GLY A 301 5.10 -8.05 17.70
CA GLY A 301 6.50 -7.68 17.83
C GLY A 301 6.75 -6.76 19.02
N THR A 302 8.03 -6.42 19.18
CA THR A 302 8.46 -5.61 20.32
C THR A 302 9.12 -4.29 19.90
N PRO A 303 8.70 -3.19 20.53
CA PRO A 303 7.56 -3.22 21.46
C PRO A 303 6.23 -3.01 20.74
N PRO A 304 5.12 -3.40 21.36
CA PRO A 304 3.81 -3.18 20.74
C PRO A 304 3.41 -1.71 20.72
N LEU A 305 2.69 -1.33 19.67
CA LEU A 305 2.30 0.04 19.41
C LEU A 305 0.83 0.06 19.04
N SER A 306 0.04 0.84 19.79
CA SER A 306 -1.41 0.73 19.76
C SER A 306 -2.05 2.10 19.60
N SER A 307 -3.38 2.10 19.52
CA SER A 307 -4.18 3.32 19.47
C SER A 307 -5.57 3.01 20.00
N ASN A 308 -6.26 4.07 20.41
CA ASN A 308 -7.58 3.97 21.04
C ASN A 308 -8.61 4.75 20.23
N VAL A 309 -9.84 4.22 20.21
CA VAL A 309 -10.97 4.87 19.57
C VAL A 309 -12.19 4.74 20.47
N SER A 310 -13.01 5.80 20.50
CA SER A 310 -14.15 5.89 21.40
C SER A 310 -15.42 5.45 20.67
N LEU A 311 -15.92 4.28 21.04
CA LEU A 311 -17.19 3.76 20.53
C LEU A 311 -18.33 4.21 21.44
N SER A 312 -19.48 4.49 20.84
CA SER A 312 -20.67 4.89 21.59
C SER A 312 -21.82 4.00 21.13
N LEU A 313 -22.19 3.03 21.95
CA LEU A 313 -23.24 2.08 21.61
C LEU A 313 -24.56 2.52 22.22
N SER A 314 -25.61 2.54 21.39
CA SER A 314 -26.95 2.95 21.82
C SER A 314 -27.95 1.84 21.51
N VAL A 315 -28.78 1.51 22.50
CA VAL A 315 -29.86 0.54 22.33
C VAL A 315 -31.12 1.27 21.89
N LEU A 316 -31.84 0.69 20.94
CA LEU A 316 -33.08 1.24 20.42
C LEU A 316 -34.26 0.59 21.12
N ASP A 317 -35.20 1.42 21.57
CA ASP A 317 -36.38 0.93 22.28
C ASP A 317 -37.27 0.12 21.35
N GLN A 318 -37.89 -0.91 21.91
CA GLN A 318 -38.83 -1.75 21.18
C GLN A 318 -40.12 -1.88 21.98
N ASN A 319 -41.25 -1.86 21.28
CA ASN A 319 -42.57 -2.04 21.89
C ASN A 319 -42.72 -3.50 22.29
N ASP A 320 -42.18 -3.83 23.46
CA ASP A 320 -42.21 -5.20 24.00
C ASP A 320 -42.81 -5.22 25.40
N ASN A 321 -43.68 -4.26 25.72
CA ASN A 321 -44.32 -4.18 27.02
C ASN A 321 -45.76 -3.74 26.84
N THR A 322 -46.69 -4.54 27.33
CA THR A 322 -48.10 -4.16 27.34
C THR A 322 -48.32 -3.05 28.37
N PRO A 323 -49.24 -2.14 28.12
CA PRO A 323 -49.61 -1.16 29.15
C PRO A 323 -50.17 -1.83 30.39
N GLU A 324 -49.83 -1.28 31.55
CA GLU A 324 -50.41 -1.68 32.82
C GLU A 324 -51.53 -0.72 33.19
N ILE A 325 -52.66 -1.25 33.62
CA ILE A 325 -53.78 -0.45 34.09
C ILE A 325 -53.74 -0.48 35.60
N LEU A 326 -53.16 0.57 36.20
CA LEU A 326 -53.01 0.61 37.65
C LEU A 326 -54.33 0.87 38.36
N TYR A 327 -55.33 1.43 37.68
CA TYR A 327 -56.61 1.77 38.27
C TYR A 327 -57.73 1.56 37.24
N PRO A 328 -58.76 0.78 37.60
CA PRO A 328 -58.90 0.11 38.89
C PRO A 328 -58.29 -1.30 38.93
N THR A 329 -58.07 -1.80 40.14
CA THR A 329 -57.69 -3.19 40.37
C THR A 329 -58.72 -3.84 41.31
N ILE A 330 -58.43 -5.06 41.74
CA ILE A 330 -59.37 -5.83 42.55
C ILE A 330 -59.12 -5.60 44.04
N SER A 335 -62.20 -2.80 49.54
CA SER A 335 -62.56 -1.70 48.66
C SER A 335 -63.47 -2.18 47.52
N THR A 336 -64.70 -1.67 47.49
CA THR A 336 -65.60 -1.97 46.39
C THR A 336 -65.01 -1.47 45.08
N GLY A 337 -64.82 -2.40 44.13
CA GLY A 337 -64.39 -2.02 42.80
C GLY A 337 -65.37 -1.12 42.08
N VAL A 338 -66.50 -0.83 42.71
CA VAL A 338 -67.57 -0.08 42.07
C VAL A 338 -67.34 1.42 42.25
N GLU A 339 -67.28 2.16 41.15
CA GLU A 339 -67.31 3.61 41.21
C GLU A 339 -68.76 4.08 41.28
N LEU A 340 -68.97 5.25 41.87
CA LEU A 340 -70.31 5.79 42.04
C LEU A 340 -70.52 7.01 41.16
N THR A 341 -71.80 7.31 40.89
CA THR A 341 -72.20 8.48 40.13
C THR A 341 -73.57 8.96 40.61
N PRO A 342 -73.72 10.24 40.91
CA PRO A 342 -75.00 10.73 41.45
C PRO A 342 -76.09 10.75 40.39
N ARG A 343 -77.33 10.55 40.85
CA ARG A 343 -78.46 10.63 39.93
C ARG A 343 -78.67 12.07 39.45
N SER A 344 -78.33 13.05 40.28
CA SER A 344 -78.44 14.46 39.94
C SER A 344 -77.17 15.03 39.30
N ALA A 345 -76.28 14.17 38.82
CA ALA A 345 -75.01 14.63 38.26
C ALA A 345 -75.23 15.27 36.89
N ASP A 346 -74.79 16.52 36.75
CA ASP A 346 -74.90 17.23 35.49
C ASP A 346 -74.14 16.48 34.39
N PRO A 347 -74.46 16.74 33.13
CA PRO A 347 -73.62 16.22 32.04
C PRO A 347 -72.19 16.70 32.20
N GLY A 348 -71.26 15.78 32.03
CA GLY A 348 -69.86 16.07 32.21
C GLY A 348 -69.31 15.74 33.57
N TYR A 349 -70.10 15.10 34.43
CA TYR A 349 -69.61 14.71 35.75
C TYR A 349 -68.48 13.70 35.61
N LEU A 350 -67.40 13.93 36.34
CA LEU A 350 -66.23 13.05 36.28
C LEU A 350 -66.49 11.84 37.15
N VAL A 351 -67.01 10.77 36.53
CA VAL A 351 -67.32 9.54 37.25
C VAL A 351 -66.05 8.91 37.79
N THR A 352 -65.13 8.54 36.89
CA THR A 352 -63.85 7.99 37.32
C THR A 352 -62.80 8.39 36.30
N LYS A 353 -61.57 7.94 36.52
CA LYS A 353 -60.47 8.19 35.58
C LYS A 353 -59.55 6.98 35.58
N VAL A 354 -59.29 6.45 34.40
CA VAL A 354 -58.44 5.26 34.26
C VAL A 354 -56.98 5.69 34.30
N VAL A 355 -56.20 5.03 35.16
CA VAL A 355 -54.76 5.28 35.28
C VAL A 355 -54.03 4.10 34.65
N ALA A 356 -53.11 4.41 33.74
CA ALA A 356 -52.35 3.37 33.07
C ALA A 356 -50.96 3.91 32.75
N VAL A 357 -49.98 3.00 32.71
CA VAL A 357 -48.59 3.34 32.41
C VAL A 357 -48.05 2.32 31.41
N ASP A 358 -46.83 2.57 30.92
CA ASP A 358 -46.21 1.69 29.94
C ASP A 358 -44.69 1.76 30.12
N LYS A 359 -44.05 0.60 30.33
CA LYS A 359 -42.62 0.57 30.64
C LYS A 359 -41.77 1.12 29.49
N ASP A 360 -42.27 1.05 28.26
CA ASP A 360 -41.52 1.47 27.08
C ASP A 360 -41.38 2.99 27.06
N SER A 361 -40.91 3.52 25.93
CA SER A 361 -40.67 4.95 25.80
C SER A 361 -41.26 5.44 24.48
N GLY A 362 -41.32 6.76 24.33
CA GLY A 362 -41.77 7.37 23.09
C GLY A 362 -43.16 6.95 22.67
N GLN A 363 -43.32 6.67 21.37
CA GLN A 363 -44.62 6.22 20.88
C GLN A 363 -45.04 4.92 21.52
N ASN A 364 -44.08 4.08 21.96
CA ASN A 364 -44.45 2.84 22.63
C ASN A 364 -44.99 3.07 24.04
N ALA A 365 -44.81 4.28 24.60
CA ALA A 365 -45.38 4.64 25.90
C ALA A 365 -46.51 5.65 25.76
N TRP A 366 -47.03 5.84 24.55
CA TRP A 366 -48.10 6.79 24.27
C TRP A 366 -49.42 6.04 24.33
N LEU A 367 -50.21 6.33 25.36
CA LEU A 367 -51.44 5.59 25.64
C LEU A 367 -52.66 6.34 25.13
N SER A 368 -53.62 5.58 24.58
CA SER A 368 -54.91 6.11 24.19
C SER A 368 -56.00 5.14 24.65
N TYR A 369 -56.97 5.68 25.37
CA TYR A 369 -58.04 4.89 25.98
C TYR A 369 -59.33 5.12 25.21
N ARG A 370 -60.02 4.03 24.85
CA ARG A 370 -61.27 4.16 24.12
C ARG A 370 -62.32 3.25 24.75
N LEU A 371 -63.58 3.58 24.51
CA LEU A 371 -64.71 2.83 25.04
C LEU A 371 -65.03 1.68 24.10
N LEU A 372 -64.95 0.46 24.62
CA LEU A 372 -65.19 -0.74 23.81
C LEU A 372 -66.64 -1.20 23.87
N LYS A 373 -67.18 -1.40 25.07
CA LYS A 373 -68.54 -1.90 25.25
C LYS A 373 -69.16 -1.22 26.45
N ALA A 374 -70.45 -0.91 26.36
CA ALA A 374 -71.15 -0.17 27.41
C ALA A 374 -72.53 -0.76 27.61
N SER A 375 -72.92 -0.90 28.89
CA SER A 375 -74.25 -1.40 29.20
C SER A 375 -75.34 -0.45 28.69
N GLU A 376 -75.12 0.85 28.86
CA GLU A 376 -75.99 1.89 28.29
C GLU A 376 -75.14 2.78 27.40
N PRO A 377 -75.35 2.77 26.09
CA PRO A 377 -74.33 3.31 25.17
C PRO A 377 -74.04 4.80 25.33
N GLY A 378 -75.07 5.64 25.28
CA GLY A 378 -74.78 7.06 25.26
C GLY A 378 -74.54 7.70 26.62
N LEU A 379 -74.47 6.91 27.68
CA LEU A 379 -74.41 7.51 29.02
C LEU A 379 -73.04 8.10 29.31
N PHE A 380 -71.98 7.33 29.06
CA PHE A 380 -70.63 7.72 29.45
C PHE A 380 -69.78 8.06 28.24
N SER A 381 -68.61 8.63 28.52
CA SER A 381 -67.63 8.98 27.51
C SER A 381 -66.24 8.81 28.09
N VAL A 382 -65.39 8.08 27.38
CA VAL A 382 -64.02 7.83 27.80
C VAL A 382 -63.10 8.79 27.05
N GLY A 383 -62.37 9.62 27.79
CA GLY A 383 -61.40 10.51 27.19
C GLY A 383 -60.32 9.74 26.47
N LEU A 384 -60.08 10.09 25.20
CA LEU A 384 -59.15 9.32 24.38
C LEU A 384 -57.75 9.32 24.99
N HIS A 385 -57.23 10.51 25.29
CA HIS A 385 -55.86 10.64 25.76
C HIS A 385 -55.74 10.88 27.25
N THR A 386 -56.86 10.95 27.97
CA THR A 386 -56.82 11.13 29.42
C THR A 386 -57.40 9.97 30.20
N GLY A 387 -58.22 9.12 29.58
CA GLY A 387 -58.80 8.01 30.32
C GLY A 387 -59.83 8.42 31.35
N GLU A 388 -60.43 9.59 31.18
CA GLU A 388 -61.46 10.06 32.09
C GLU A 388 -62.81 9.51 31.66
N VAL A 389 -63.43 8.72 32.54
CA VAL A 389 -64.79 8.23 32.33
C VAL A 389 -65.76 9.25 32.90
N ARG A 390 -66.54 9.87 32.02
CA ARG A 390 -67.47 10.95 32.37
C ARG A 390 -68.87 10.63 31.88
N THR A 391 -69.82 11.49 32.27
CA THR A 391 -71.20 11.40 31.82
C THR A 391 -71.38 12.21 30.55
N ALA A 392 -72.05 11.61 29.56
CA ALA A 392 -72.32 12.30 28.29
C ALA A 392 -73.71 12.94 28.25
N ARG A 393 -74.61 12.56 29.14
CA ARG A 393 -75.94 13.13 29.18
C ARG A 393 -76.45 13.11 30.62
N ALA A 394 -77.67 13.61 30.80
CA ALA A 394 -78.32 13.57 32.11
C ALA A 394 -78.90 12.18 32.36
N LEU A 395 -78.95 11.80 33.63
CA LEU A 395 -79.45 10.49 34.00
C LEU A 395 -80.98 10.49 34.07
N LEU A 396 -81.58 9.38 33.67
CA LEU A 396 -83.01 9.22 33.63
C LEU A 396 -83.45 8.09 34.54
N ASP A 397 -84.73 8.08 34.89
CA ASP A 397 -85.26 7.02 35.74
C ASP A 397 -85.24 5.67 35.04
N ARG A 398 -85.25 5.67 33.70
CA ARG A 398 -85.14 4.40 32.98
C ARG A 398 -83.76 3.77 33.15
N ASP A 399 -82.72 4.60 33.28
CA ASP A 399 -81.35 4.09 33.35
C ASP A 399 -81.19 3.07 34.46
N ALA A 400 -80.38 2.05 34.20
CA ALA A 400 -80.24 0.90 35.10
C ALA A 400 -79.41 1.26 36.32
N LEU A 401 -79.62 0.50 37.40
CA LEU A 401 -78.93 0.77 38.66
C LEU A 401 -77.45 0.46 38.58
N LYS A 402 -77.10 -0.70 38.02
CA LYS A 402 -75.71 -1.15 37.92
C LYS A 402 -75.27 -1.08 36.46
N GLN A 403 -74.10 -0.50 36.25
CA GLN A 403 -73.53 -0.30 34.91
C GLN A 403 -72.16 -0.94 34.82
N SER A 404 -71.75 -1.24 33.59
CA SER A 404 -70.43 -1.81 33.32
C SER A 404 -69.90 -1.26 32.02
N LEU A 405 -68.62 -0.87 32.03
CA LEU A 405 -67.92 -0.42 30.83
C LEU A 405 -66.72 -1.32 30.58
N VAL A 406 -66.31 -1.41 29.33
CA VAL A 406 -65.11 -2.14 28.94
C VAL A 406 -64.18 -1.15 28.27
N VAL A 407 -63.06 -0.82 28.93
CA VAL A 407 -62.10 0.16 28.45
C VAL A 407 -60.86 -0.57 27.98
N THR A 408 -60.31 -0.10 26.86
CA THR A 408 -59.16 -0.70 26.20
C THR A 408 -58.04 0.33 26.11
N VAL A 409 -56.88 0.01 26.69
CA VAL A 409 -55.72 0.89 26.70
C VAL A 409 -54.75 0.42 25.62
N GLN A 410 -54.39 1.31 24.70
CA GLN A 410 -53.49 1.00 23.60
C GLN A 410 -52.24 1.85 23.69
N ASP A 411 -51.09 1.25 23.42
CA ASP A 411 -49.90 2.01 23.11
C ASP A 411 -49.84 2.29 21.61
N HIS A 412 -49.08 3.31 21.23
CA HIS A 412 -49.02 3.75 19.84
C HIS A 412 -47.76 3.25 19.12
N GLY A 413 -47.18 2.14 19.58
CA GLY A 413 -46.02 1.57 18.94
C GLY A 413 -46.40 0.65 17.79
N GLN A 414 -45.39 0.00 17.23
CA GLN A 414 -45.59 -0.91 16.12
C GLN A 414 -45.00 -2.30 16.40
N PRO A 415 -45.86 -3.32 16.50
CA PRO A 415 -47.32 -3.22 16.51
C PRO A 415 -47.85 -2.78 17.88
N PRO A 416 -49.09 -2.28 17.95
CA PRO A 416 -49.63 -1.82 19.23
C PRO A 416 -50.11 -2.97 20.12
N LEU A 417 -50.07 -2.71 21.42
CA LEU A 417 -50.52 -3.66 22.44
C LEU A 417 -51.62 -3.04 23.28
N SER A 418 -52.60 -3.84 23.68
CA SER A 418 -53.76 -3.33 24.39
C SER A 418 -53.99 -4.06 25.70
N ALA A 419 -54.81 -3.44 26.54
CA ALA A 419 -55.29 -4.02 27.79
C ALA A 419 -56.77 -3.73 27.91
N THR A 420 -57.45 -4.55 28.70
CA THR A 420 -58.89 -4.43 28.90
C THR A 420 -59.20 -4.40 30.38
N VAL A 421 -60.16 -3.56 30.77
CA VAL A 421 -60.67 -3.53 32.13
C VAL A 421 -62.17 -3.26 32.11
N THR A 422 -62.91 -3.96 32.96
CA THR A 422 -64.34 -3.74 33.13
C THR A 422 -64.54 -2.88 34.37
N LEU A 423 -65.17 -1.73 34.19
CA LEU A 423 -65.57 -0.89 35.31
C LEU A 423 -67.01 -1.18 35.68
N THR A 424 -67.27 -1.31 36.97
CA THR A 424 -68.62 -1.40 37.49
C THR A 424 -68.97 -0.06 38.13
N ILE A 425 -69.98 0.61 37.59
CA ILE A 425 -70.39 1.93 38.04
C ILE A 425 -71.82 1.84 38.55
N ALA A 426 -72.01 2.12 39.83
CA ALA A 426 -73.33 2.09 40.43
C ALA A 426 -73.96 3.48 40.39
N VAL A 427 -75.25 3.52 40.10
CA VAL A 427 -76.01 4.77 40.06
C VAL A 427 -76.51 5.07 41.48
N SER A 428 -76.13 6.23 42.01
CA SER A 428 -76.51 6.65 43.35
C SER A 428 -77.84 7.38 43.36
N ASP A 429 -78.44 7.45 44.54
CA ASP A 429 -79.68 8.19 44.73
C ASP A 429 -79.58 9.15 45.91
C1 NAG B . 16.59 -4.40 -12.85
C2 NAG B . 16.62 -5.93 -12.92
C3 NAG B . 17.09 -6.38 -14.31
C4 NAG B . 16.23 -5.75 -15.40
C5 NAG B . 16.25 -4.23 -15.25
C6 NAG B . 15.32 -3.54 -16.21
C7 NAG B . 17.11 -6.51 -10.59
C8 NAG B . 18.12 -7.12 -9.64
N2 NAG B . 17.46 -6.49 -11.89
O3 NAG B . 17.01 -7.80 -14.41
O4 NAG B . 16.71 -6.09 -16.70
O5 NAG B . 15.79 -3.87 -13.93
O6 NAG B . 15.49 -2.12 -16.24
O7 NAG B . 16.04 -6.06 -10.20
C1 NAG B . 15.83 -7.02 -17.39
C2 NAG B . 15.54 -6.50 -18.83
C3 NAG B . 14.82 -7.55 -19.69
C4 NAG B . 15.44 -8.94 -19.54
C5 NAG B . 15.61 -9.27 -18.07
C6 NAG B . 16.25 -10.61 -17.80
C7 NAG B . 14.96 -4.18 -19.49
C8 NAG B . 16.09 -4.25 -20.47
N2 NAG B . 14.74 -5.28 -18.76
O3 NAG B . 14.96 -7.17 -21.06
O4 NAG B . 14.68 -9.95 -20.20
O5 NAG B . 16.45 -8.27 -17.45
O6 NAG B . 17.39 -10.85 -18.62
O7 NAG B . 14.27 -3.18 -19.36
C1 MAN C . -56.06 -3.20 21.49
C2 MAN C . -56.03 -4.75 21.38
C3 MAN C . -55.00 -5.20 20.34
C4 MAN C . -55.06 -4.37 19.03
C5 MAN C . -54.99 -2.87 19.36
C6 MAN C . -55.12 -1.98 18.13
O2 MAN C . -57.32 -5.29 20.98
O3 MAN C . -55.13 -6.59 20.05
O4 MAN C . -53.97 -4.72 18.16
O5 MAN C . -56.07 -2.54 20.24
O6 MAN C . -56.52 -1.75 17.90
C1 MAN D . -64.95 -7.26 32.66
C2 MAN D . -63.80 -7.78 31.80
C3 MAN D . -64.26 -7.84 30.34
C4 MAN D . -65.58 -8.58 30.19
C5 MAN D . -66.65 -7.89 31.03
C6 MAN D . -68.00 -8.62 30.98
O2 MAN D . -63.43 -9.12 32.16
O3 MAN D . -63.28 -8.46 29.52
O4 MAN D . -65.98 -8.57 28.84
O5 MAN D . -66.20 -7.89 32.41
O6 MAN D . -68.99 -7.71 30.51
C1 MAN E . -68.13 -4.76 38.98
C2 MAN E . -66.66 -4.46 39.32
C3 MAN E . -65.79 -4.71 38.10
C4 MAN E . -66.06 -6.11 37.50
C5 MAN E . -67.56 -6.29 37.22
C6 MAN E . -67.91 -7.68 36.73
O2 MAN E . -66.18 -5.33 40.35
O3 MAN E . -64.40 -4.57 38.41
O4 MAN E . -65.34 -6.27 36.29
O5 MAN E . -68.30 -6.04 38.44
O6 MAN E . -69.29 -7.68 36.32
C1 MAN F . -60.18 -7.54 29.41
C2 MAN F . -59.35 -8.70 30.00
C3 MAN F . -58.95 -9.71 28.92
C4 MAN F . -60.14 -10.06 27.96
C5 MAN F . -60.85 -8.80 27.46
C6 MAN F . -62.10 -9.08 26.64
O2 MAN F . -60.07 -9.45 31.02
O3 MAN F . -58.41 -10.90 29.50
O4 MAN F . -59.65 -10.78 26.84
O5 MAN F . -61.23 -7.96 28.58
O6 MAN F . -61.73 -9.12 25.27
C1 MAN G . -22.05 -8.90 11.14
C2 MAN G . -20.90 -7.86 11.09
C3 MAN G . -21.45 -6.43 11.06
C4 MAN G . -22.54 -6.31 9.99
C5 MAN G . -23.67 -7.29 10.31
C6 MAN G . -24.80 -7.23 9.30
O2 MAN G . -20.12 -8.00 9.89
O3 MAN G . -20.43 -5.46 10.85
O4 MAN G . -23.03 -4.98 9.97
O5 MAN G . -23.15 -8.63 10.29
O6 MAN G . -25.86 -8.08 9.75
C1 MAN H . -12.28 -3.52 7.96
C2 MAN H . -13.26 -2.65 7.15
C3 MAN H . -14.72 -3.13 7.33
C4 MAN H . -14.83 -4.67 7.16
C5 MAN H . -13.79 -5.38 8.06
C6 MAN H . -13.79 -6.89 7.90
O2 MAN H . -12.98 -2.73 5.74
O3 MAN H . -15.63 -2.48 6.42
O4 MAN H . -16.15 -5.10 7.50
O5 MAN H . -12.46 -4.89 7.73
O6 MAN H . -14.01 -7.48 9.19
C1 NAG I . -5.19 6.98 24.03
C2 NAG I . -5.54 8.44 23.79
C3 NAG I . -4.27 9.27 23.61
C4 NAG I . -3.29 9.01 24.75
C5 NAG I . -3.11 7.52 25.02
C6 NAG I . -2.32 7.24 26.28
C7 NAG I . -7.24 9.63 22.46
C8 NAG I . -8.08 9.60 21.22
N2 NAG I . -6.41 8.59 22.64
O3 NAG I . -4.59 10.66 23.54
O4 NAG I . -2.02 9.57 24.43
O5 NAG I . -4.38 6.87 25.19
O6 NAG I . -2.60 5.94 26.80
O7 NAG I . -7.31 10.54 23.27
CA CA J . 40.33 -3.54 -30.17
CA CA K . 40.37 -0.31 -29.16
CA CA L . 35.60 2.30 -24.78
CA CA M . 8.55 6.07 8.75
CA CA N . 8.08 1.23 9.17
CA CA O . 3.14 -0.59 13.66
CA CA P . -37.73 -5.59 27.25
CA CA Q . -38.98 -1.62 25.34
CA CA R . -45.78 -0.54 24.90
#